data_5WII
#
_entry.id   5WII
#
_cell.length_a   111.799
_cell.length_b   124.116
_cell.length_c   109.993
_cell.angle_alpha   90.00
_cell.angle_beta   90.00
_cell.angle_gamma   90.00
#
_symmetry.space_group_name_H-M   'C 2 2 21'
#
loop_
_entity.id
_entity.type
_entity.pdbx_description
1 polymer 'Conjugal transfer protein'
2 non-polymer '2-chloropyridine-4-carboxylic acid'
3 water water
#
_entity_poly.entity_id   1
_entity_poly.type   'polypeptide(L)'
_entity_poly.pdbx_seq_one_letter_code
;AHLLTLNEATHEVQQVKLTRDQTSYGDEIDKFWLTQYVIHRESYDFYSVQVDYTAVGLMSTPNVAESYQSKFKGRNGLDK
VLGDSETTRVKINSVILDKPHGVATIRFTTVRRVRSNPVDDQPQRWIAIMGYEYKSLAMNAEQRYVNPLGFRVTSYRVNP
EVN
;
_entity_poly.pdbx_strand_id   A,B,C,D
#
loop_
_chem_comp.id
_chem_comp.type
_chem_comp.name
_chem_comp.formula
AO4 non-polymer '2-chloropyridine-4-carboxylic acid' 'C6 H4 Cl N O2'
#
# COMPACT_ATOMS: atom_id res chain seq x y z
N ASP A 21 -14.97 26.10 19.10
CA ASP A 21 -15.85 26.98 18.30
C ASP A 21 -15.13 28.13 17.61
N GLN A 22 -14.29 27.73 16.69
CA GLN A 22 -13.47 28.62 15.87
C GLN A 22 -13.79 28.37 14.40
N THR A 23 -14.19 29.42 13.69
CA THR A 23 -14.55 29.30 12.28
C THR A 23 -13.38 28.76 11.46
N SER A 24 -12.17 29.21 11.78
CA SER A 24 -10.97 28.77 11.09
C SER A 24 -10.03 28.05 12.05
N TYR A 25 -9.19 27.17 11.50
CA TYR A 25 -8.24 26.41 12.28
C TYR A 25 -6.85 26.35 11.65
N GLY A 26 -6.76 26.84 10.42
CA GLY A 26 -5.52 26.79 9.66
C GLY A 26 -5.78 26.36 8.23
N ASP A 27 -5.29 27.15 7.28
CA ASP A 27 -5.51 26.91 5.86
C ASP A 27 -5.30 25.46 5.47
N GLU A 28 -4.25 24.84 5.99
CA GLU A 28 -3.92 23.47 5.65
C GLU A 28 -4.90 22.51 6.31
N ILE A 29 -5.41 22.91 7.47
CA ILE A 29 -6.40 22.12 8.20
C ILE A 29 -7.77 22.26 7.55
N ASP A 30 -8.19 23.51 7.36
CA ASP A 30 -9.47 23.80 6.70
C ASP A 30 -9.53 23.14 5.33
N LYS A 31 -8.42 23.23 4.60
CA LYS A 31 -8.31 22.64 3.27
C LYS A 31 -8.55 21.14 3.31
N PHE A 32 -8.06 20.50 4.37
CA PHE A 32 -8.15 19.05 4.50
C PHE A 32 -9.59 18.57 4.68
N TRP A 33 -10.29 19.13 5.67
CA TRP A 33 -11.63 18.69 6.00
C TRP A 33 -12.57 18.90 4.85
N LEU A 34 -12.41 20.03 4.16
CA LEU A 34 -13.27 20.37 3.03
C LEU A 34 -13.11 19.38 1.89
N THR A 35 -11.85 19.07 1.56
CA THR A 35 -11.57 18.09 0.51
C THR A 35 -12.14 16.73 0.90
N GLN A 36 -12.00 16.37 2.17
CA GLN A 36 -12.54 15.12 2.68
C GLN A 36 -14.06 15.11 2.59
N TYR A 37 -14.67 16.27 2.76
CA TYR A 37 -16.12 16.40 2.73
C TYR A 37 -16.66 16.13 1.32
N VAL A 38 -16.04 16.75 0.32
CA VAL A 38 -16.48 16.59 -1.06
C VAL A 38 -16.35 15.13 -1.50
N ILE A 39 -15.21 14.54 -1.20
CA ILE A 39 -14.93 13.16 -1.59
C ILE A 39 -15.91 12.21 -0.92
N HIS A 40 -16.24 12.49 0.34
CA HIS A 40 -17.23 11.71 1.06
C HIS A 40 -18.59 11.87 0.43
N ARG A 41 -18.90 13.09 -0.02
CA ARG A 41 -20.24 13.46 -0.43
C ARG A 41 -20.51 13.20 -1.91
N GLU A 42 -19.49 13.36 -2.75
CA GLU A 42 -19.67 13.28 -4.20
C GLU A 42 -19.19 11.95 -4.79
N SER A 43 -18.36 11.22 -4.06
CA SER A 43 -17.88 9.92 -4.51
C SER A 43 -18.90 8.84 -4.16
N TYR A 44 -18.97 7.80 -4.98
CA TYR A 44 -19.83 6.66 -4.69
C TYR A 44 -19.07 5.35 -4.82
N ASP A 45 -18.93 4.66 -3.69
CA ASP A 45 -18.38 3.32 -3.63
C ASP A 45 -19.10 2.57 -2.53
N PHE A 46 -19.71 1.43 -2.88
CA PHE A 46 -20.57 0.73 -1.94
C PHE A 46 -19.80 0.30 -0.69
N TYR A 47 -18.49 0.17 -0.82
CA TYR A 47 -17.62 -0.01 0.33
C TYR A 47 -17.38 1.36 0.94
N SER A 48 -17.67 1.49 2.23
CA SER A 48 -17.48 2.74 2.95
C SER A 48 -18.53 3.78 2.58
N VAL A 49 -19.69 3.34 2.10
CA VAL A 49 -20.79 4.26 1.84
C VAL A 49 -21.37 4.74 3.16
N GLN A 50 -21.46 3.84 4.13
CA GLN A 50 -22.03 4.16 5.42
C GLN A 50 -21.17 5.15 6.17
N VAL A 51 -19.86 4.95 6.14
CA VAL A 51 -18.94 5.86 6.83
C VAL A 51 -18.94 7.22 6.14
N ASP A 52 -19.08 7.23 4.81
CA ASP A 52 -19.22 8.48 4.08
C ASP A 52 -20.50 9.16 4.52
N TYR A 53 -21.60 8.42 4.47
CA TYR A 53 -22.90 8.91 4.89
C TYR A 53 -22.87 9.38 6.35
N THR A 54 -22.21 8.60 7.19
CA THR A 54 -22.08 8.92 8.61
C THR A 54 -21.27 10.20 8.79
N ALA A 55 -20.14 10.28 8.09
CA ALA A 55 -19.22 11.41 8.22
C ALA A 55 -19.89 12.72 7.85
N VAL A 56 -20.59 12.73 6.72
CA VAL A 56 -21.29 13.92 6.25
C VAL A 56 -22.28 14.41 7.31
N GLY A 57 -22.92 13.48 8.01
CA GLY A 57 -23.85 13.83 9.07
C GLY A 57 -23.17 14.63 10.16
N LEU A 58 -21.98 14.18 10.57
CA LEU A 58 -21.21 14.89 11.58
C LEU A 58 -20.62 16.17 11.02
N MET A 59 -20.36 16.17 9.72
CA MET A 59 -19.72 17.30 9.04
C MET A 59 -20.73 18.25 8.41
N SER A 60 -21.96 18.24 8.91
CA SER A 60 -23.01 19.08 8.33
C SER A 60 -24.02 19.53 9.38
N THR A 61 -24.59 20.72 9.16
CA THR A 61 -25.75 21.15 9.92
C THR A 61 -26.93 20.28 9.49
N PRO A 62 -27.94 20.15 10.36
CA PRO A 62 -29.12 19.35 10.00
C PRO A 62 -29.77 19.83 8.71
N ASN A 63 -29.78 21.14 8.50
CA ASN A 63 -30.38 21.73 7.30
C ASN A 63 -29.66 21.24 6.06
N VAL A 64 -28.34 21.16 6.13
CA VAL A 64 -27.53 20.72 5.01
C VAL A 64 -27.55 19.19 4.90
N ALA A 65 -27.60 18.52 6.05
CA ALA A 65 -27.59 17.06 6.08
C ALA A 65 -28.88 16.50 5.49
N GLU A 66 -30.01 17.11 5.87
CA GLU A 66 -31.31 16.68 5.38
C GLU A 66 -31.37 16.67 3.86
N SER A 67 -30.70 17.64 3.25
CA SER A 67 -30.67 17.76 1.80
C SER A 67 -29.83 16.65 1.18
N TYR A 68 -28.89 16.12 1.94
CA TYR A 68 -28.01 15.06 1.47
C TYR A 68 -28.59 13.68 1.76
N GLN A 69 -29.21 13.54 2.93
CA GLN A 69 -29.74 12.25 3.37
C GLN A 69 -30.93 11.79 2.53
N SER A 70 -31.62 12.75 1.93
CA SER A 70 -32.84 12.47 1.17
C SER A 70 -32.64 11.42 0.08
N LYS A 71 -31.41 11.32 -0.43
CA LYS A 71 -31.11 10.42 -1.52
C LYS A 71 -30.97 8.96 -1.05
N PHE A 72 -31.10 8.76 0.26
CA PHE A 72 -30.92 7.44 0.86
C PHE A 72 -32.20 6.93 1.53
N LYS A 73 -33.27 7.71 1.44
CA LYS A 73 -34.54 7.35 2.05
C LYS A 73 -35.45 6.63 1.06
N GLY A 74 -36.30 5.75 1.57
CA GLY A 74 -37.22 5.00 0.74
C GLY A 74 -36.55 3.85 0.02
N ARG A 75 -37.36 2.99 -0.62
CA ARG A 75 -36.84 1.85 -1.35
C ARG A 75 -35.94 2.28 -2.50
N ASN A 76 -36.04 3.56 -2.86
CA ASN A 76 -35.31 4.14 -3.98
C ASN A 76 -33.96 4.67 -3.53
N GLY A 77 -33.60 4.38 -2.29
CA GLY A 77 -32.38 4.91 -1.71
C GLY A 77 -31.19 4.55 -2.57
N LEU A 78 -30.37 5.55 -2.87
CA LEU A 78 -29.27 5.41 -3.82
C LEU A 78 -28.42 4.16 -3.58
N ASP A 79 -28.23 3.79 -2.32
CA ASP A 79 -27.46 2.61 -1.97
C ASP A 79 -28.20 1.33 -2.32
N LYS A 80 -29.53 1.38 -2.23
CA LYS A 80 -30.37 0.22 -2.51
C LYS A 80 -30.74 0.15 -4.00
N VAL A 81 -30.44 1.20 -4.75
CA VAL A 81 -30.77 1.26 -6.17
C VAL A 81 -29.57 0.90 -7.03
N LEU A 82 -28.46 1.62 -6.84
CA LEU A 82 -27.26 1.41 -7.64
C LEU A 82 -26.44 0.22 -7.12
N GLY A 83 -26.28 0.16 -5.80
CA GLY A 83 -25.47 -0.88 -5.19
C GLY A 83 -24.02 -0.76 -5.61
N ASP A 84 -23.55 -1.77 -6.34
CA ASP A 84 -22.18 -1.78 -6.84
C ASP A 84 -22.16 -1.87 -8.36
N SER A 85 -23.27 -1.51 -8.98
CA SER A 85 -23.39 -1.57 -10.44
C SER A 85 -22.56 -0.46 -11.08
N GLU A 86 -22.28 0.58 -10.31
CA GLU A 86 -21.46 1.69 -10.78
C GLU A 86 -20.66 2.28 -9.64
N THR A 87 -19.74 3.18 -9.97
CA THR A 87 -18.94 3.88 -8.97
C THR A 87 -18.58 5.27 -9.48
N THR A 88 -18.18 6.14 -8.55
CA THR A 88 -17.78 7.50 -8.89
C THR A 88 -16.61 7.93 -8.01
N ARG A 89 -15.48 8.22 -8.66
CA ARG A 89 -14.30 8.67 -7.95
C ARG A 89 -14.15 10.18 -8.10
N VAL A 90 -13.51 10.81 -7.11
CA VAL A 90 -13.35 12.26 -7.06
C VAL A 90 -11.87 12.65 -7.10
N LYS A 91 -11.57 13.73 -7.82
CA LYS A 91 -10.24 14.30 -7.85
C LYS A 91 -10.31 15.80 -7.59
N ILE A 92 -9.70 16.23 -6.49
CA ILE A 92 -9.66 17.65 -6.15
C ILE A 92 -8.64 18.37 -7.04
N ASN A 93 -9.14 19.34 -7.81
CA ASN A 93 -8.29 20.15 -8.68
C ASN A 93 -7.70 21.41 -8.05
N SER A 94 -8.50 22.11 -7.24
CA SER A 94 -8.09 23.35 -6.62
C SER A 94 -8.91 23.63 -5.37
N VAL A 95 -8.36 24.46 -4.48
CA VAL A 95 -9.05 24.87 -3.27
C VAL A 95 -8.78 26.36 -3.02
N ILE A 96 -9.85 27.12 -2.80
CA ILE A 96 -9.75 28.54 -2.53
C ILE A 96 -10.45 28.84 -1.21
N LEU A 97 -9.77 29.60 -0.35
CA LEU A 97 -10.28 29.90 0.98
C LEU A 97 -10.60 31.38 1.18
N ASP A 98 -11.65 31.62 1.96
CA ASP A 98 -11.95 32.95 2.49
C ASP A 98 -12.02 32.78 4.02
N LYS A 99 -10.85 32.68 4.62
CA LYS A 99 -10.70 32.20 6.01
C LYS A 99 -11.54 32.98 7.01
N PRO A 100 -11.49 34.33 6.96
CA PRO A 100 -12.20 35.10 7.98
C PRO A 100 -13.72 34.97 7.91
N HIS A 101 -14.23 34.60 6.73
CA HIS A 101 -15.66 34.47 6.52
C HIS A 101 -16.18 33.05 6.59
N GLY A 102 -15.27 32.08 6.78
CA GLY A 102 -15.65 30.68 6.84
C GLY A 102 -16.27 30.23 5.53
N VAL A 103 -15.68 30.70 4.43
CA VAL A 103 -16.14 30.36 3.10
C VAL A 103 -14.99 29.78 2.29
N ALA A 104 -15.32 28.81 1.44
CA ALA A 104 -14.32 28.17 0.58
C ALA A 104 -14.94 27.78 -0.75
N THR A 105 -14.13 27.84 -1.81
CA THR A 105 -14.55 27.43 -3.15
C THR A 105 -13.64 26.32 -3.64
N ILE A 106 -14.25 25.25 -4.16
CA ILE A 106 -13.51 24.08 -4.62
C ILE A 106 -13.91 23.70 -6.03
N ARG A 107 -12.91 23.34 -6.82
CA ARG A 107 -13.14 22.76 -8.15
C ARG A 107 -12.60 21.34 -8.16
N PHE A 108 -13.44 20.41 -8.58
CA PHE A 108 -13.08 19.00 -8.61
C PHE A 108 -13.69 18.32 -9.82
N THR A 109 -13.21 17.11 -10.11
CA THR A 109 -13.67 16.36 -11.28
C THR A 109 -14.14 14.97 -10.86
N THR A 110 -15.35 14.63 -11.28
CA THR A 110 -15.91 13.31 -11.03
C THR A 110 -15.85 12.46 -12.30
N VAL A 111 -15.39 11.22 -12.15
CA VAL A 111 -15.36 10.27 -13.27
C VAL A 111 -16.08 9.00 -12.86
N ARG A 112 -17.17 8.72 -13.57
CA ARG A 112 -18.00 7.56 -13.29
C ARG A 112 -17.58 6.35 -14.11
N ARG A 113 -17.71 5.18 -13.51
CA ARG A 113 -17.32 3.92 -14.15
C ARG A 113 -18.38 2.85 -13.87
N VAL A 114 -19.12 2.49 -14.91
CA VAL A 114 -20.15 1.46 -14.80
C VAL A 114 -19.57 0.13 -15.27
N ARG A 115 -19.71 -0.91 -14.45
CA ARG A 115 -19.16 -2.22 -14.80
C ARG A 115 -19.88 -2.78 -16.02
N SER A 116 -21.14 -2.39 -16.18
CA SER A 116 -21.89 -2.73 -17.39
C SER A 116 -21.18 -2.15 -18.62
N ASN A 117 -20.71 -0.92 -18.50
CA ASN A 117 -19.93 -0.28 -19.55
C ASN A 117 -18.51 -0.83 -19.64
N PRO A 118 -17.90 -0.76 -20.82
CA PRO A 118 -16.53 -1.24 -21.01
C PRO A 118 -15.49 -0.32 -20.40
N VAL A 119 -15.75 0.99 -20.48
CA VAL A 119 -14.81 2.01 -20.04
C VAL A 119 -15.48 3.10 -19.23
N ASP A 120 -14.69 3.84 -18.47
CA ASP A 120 -15.20 4.89 -17.60
C ASP A 120 -15.90 5.99 -18.40
N ASP A 121 -16.91 6.60 -17.81
CA ASP A 121 -17.64 7.68 -18.47
C ASP A 121 -16.77 8.92 -18.62
N GLN A 122 -17.22 9.86 -19.45
CA GLN A 122 -16.50 11.12 -19.63
C GLN A 122 -16.49 11.88 -18.32
N PRO A 123 -15.40 12.64 -18.05
CA PRO A 123 -15.33 13.35 -16.78
C PRO A 123 -16.38 14.46 -16.64
N GLN A 124 -16.65 14.86 -15.40
CA GLN A 124 -17.55 15.96 -15.11
C GLN A 124 -16.90 16.91 -14.11
N ARG A 125 -16.76 18.17 -14.51
CA ARG A 125 -16.12 19.18 -13.67
C ARG A 125 -17.17 20.02 -12.94
N TRP A 126 -16.87 20.41 -11.70
CA TRP A 126 -17.83 21.11 -10.85
C TRP A 126 -17.19 22.16 -9.95
N ILE A 127 -18.02 23.07 -9.45
CA ILE A 127 -17.57 24.12 -8.53
C ILE A 127 -18.40 24.10 -7.25
N ALA A 128 -17.74 23.91 -6.11
CA ALA A 128 -18.44 23.79 -4.83
C ALA A 128 -18.27 25.04 -3.96
N ILE A 129 -19.39 25.69 -3.66
CA ILE A 129 -19.41 26.83 -2.73
C ILE A 129 -19.81 26.33 -1.36
N MET A 130 -18.99 26.61 -0.35
CA MET A 130 -19.18 26.06 0.98
C MET A 130 -19.09 27.12 2.07
N GLY A 131 -19.96 26.97 3.07
CA GLY A 131 -19.84 27.71 4.31
C GLY A 131 -19.49 26.70 5.38
N TYR A 132 -18.61 27.07 6.31
CA TYR A 132 -18.14 26.11 7.30
C TYR A 132 -17.73 26.77 8.62
N GLU A 133 -17.72 25.94 9.66
CA GLU A 133 -17.31 26.36 11.00
C GLU A 133 -16.96 25.14 11.85
N TYR A 134 -16.28 25.36 12.97
CA TYR A 134 -16.09 24.32 13.97
C TYR A 134 -16.93 24.71 15.17
N LYS A 135 -17.47 23.72 15.88
CA LYS A 135 -18.42 23.99 16.96
C LYS A 135 -18.09 23.25 18.25
N SER A 136 -18.29 23.94 19.36
CA SER A 136 -18.23 23.33 20.68
C SER A 136 -19.47 22.47 20.90
N LEU A 137 -19.30 21.16 20.77
CA LEU A 137 -20.39 20.21 20.94
C LEU A 137 -19.90 19.03 21.75
N ALA A 138 -20.62 18.68 22.81
CA ALA A 138 -20.32 17.47 23.56
C ALA A 138 -20.58 16.26 22.66
N MET A 139 -19.62 15.34 22.63
CA MET A 139 -19.67 14.22 21.70
C MET A 139 -19.32 12.90 22.39
N ASN A 140 -19.80 11.81 21.79
CA ASN A 140 -19.54 10.46 22.25
C ASN A 140 -18.19 9.98 21.73
N ALA A 141 -17.85 8.73 22.01
CA ALA A 141 -16.55 8.19 21.64
C ALA A 141 -16.48 7.89 20.14
N GLU A 142 -17.63 7.67 19.52
CA GLU A 142 -17.70 7.22 18.13
C GLU A 142 -17.65 8.39 17.15
N GLN A 143 -18.29 9.49 17.53
CA GLN A 143 -18.40 10.65 16.65
C GLN A 143 -17.06 11.33 16.38
N ARG A 144 -16.07 11.03 17.21
CA ARG A 144 -14.79 11.74 17.16
C ARG A 144 -13.84 11.11 16.16
N TYR A 145 -13.89 9.78 16.05
CA TYR A 145 -13.00 9.03 15.18
C TYR A 145 -13.11 9.46 13.71
N VAL A 146 -14.19 10.17 13.39
CA VAL A 146 -14.41 10.70 12.06
C VAL A 146 -14.23 12.22 12.03
N ASN A 147 -14.75 12.89 13.06
CA ASN A 147 -14.70 14.34 13.18
C ASN A 147 -14.24 14.83 14.55
N PRO A 148 -12.93 14.76 14.80
CA PRO A 148 -12.35 15.18 16.08
C PRO A 148 -12.55 16.65 16.45
N LEU A 149 -12.66 17.53 15.47
CA LEU A 149 -12.63 18.97 15.74
C LEU A 149 -13.99 19.66 15.64
N GLY A 150 -15.03 18.88 15.35
CA GLY A 150 -16.36 19.44 15.25
C GLY A 150 -16.57 20.25 13.98
N PHE A 151 -15.74 19.99 12.98
CA PHE A 151 -15.90 20.62 11.68
C PHE A 151 -17.25 20.25 11.08
N ARG A 152 -18.03 21.26 10.71
CA ARG A 152 -19.33 21.01 10.07
C ARG A 152 -19.60 22.06 9.00
N VAL A 153 -20.22 21.62 7.91
CA VAL A 153 -20.53 22.48 6.77
C VAL A 153 -21.89 23.14 6.97
N THR A 154 -21.99 24.41 6.61
CA THR A 154 -23.21 25.19 6.83
C THR A 154 -23.86 25.62 5.52
N SER A 155 -23.14 25.46 4.41
CA SER A 155 -23.68 25.77 3.10
C SER A 155 -23.03 24.88 2.05
N TYR A 156 -23.75 24.59 0.98
CA TYR A 156 -23.24 23.71 -0.06
C TYR A 156 -24.00 23.91 -1.37
N ARG A 157 -23.25 24.11 -2.45
CA ARG A 157 -23.83 24.27 -3.78
C ARG A 157 -22.83 23.85 -4.84
N VAL A 158 -23.27 23.02 -5.78
CA VAL A 158 -22.41 22.51 -6.85
C VAL A 158 -22.87 23.02 -8.21
N ASN A 159 -21.92 23.53 -8.99
CA ASN A 159 -22.17 23.99 -10.34
C ASN A 159 -21.05 23.61 -11.30
N PRO A 160 -21.40 23.47 -12.57
CA PRO A 160 -20.44 23.19 -13.65
C PRO A 160 -19.67 24.43 -14.10
N GLU A 161 -18.66 24.25 -14.94
CA GLU A 161 -17.86 25.37 -15.42
C GLU A 161 -18.27 25.77 -16.83
N THR B 19 -9.51 -26.71 -10.51
CA THR B 19 -9.93 -27.31 -9.24
C THR B 19 -11.26 -26.74 -8.80
N ARG B 20 -11.31 -25.42 -8.67
CA ARG B 20 -12.51 -24.73 -8.24
C ARG B 20 -12.71 -23.42 -9.00
N ASP B 21 -13.92 -23.26 -9.54
CA ASP B 21 -14.31 -22.03 -10.22
C ASP B 21 -14.64 -20.93 -9.21
N GLN B 22 -13.76 -19.93 -9.14
CA GLN B 22 -13.83 -18.87 -8.15
C GLN B 22 -13.30 -17.57 -8.76
N THR B 23 -13.33 -16.49 -8.00
CA THR B 23 -12.78 -15.23 -8.48
C THR B 23 -11.53 -14.87 -7.69
N SER B 24 -11.51 -15.24 -6.41
CA SER B 24 -10.41 -14.88 -5.51
C SER B 24 -9.96 -16.02 -4.62
N TYR B 25 -8.64 -16.11 -4.42
CA TYR B 25 -8.04 -17.18 -3.62
C TYR B 25 -7.43 -16.66 -2.31
N GLY B 26 -7.43 -15.35 -2.12
CA GLY B 26 -6.78 -14.75 -0.95
C GLY B 26 -5.80 -13.67 -1.37
N ASP B 27 -5.16 -13.03 -0.40
CA ASP B 27 -4.21 -11.95 -0.70
C ASP B 27 -2.86 -12.50 -1.13
N GLU B 28 -2.34 -13.46 -0.37
CA GLU B 28 -0.98 -13.96 -0.59
C GLU B 28 -0.88 -14.80 -1.86
N ILE B 29 -1.97 -15.51 -2.18
CA ILE B 29 -2.01 -16.33 -3.38
C ILE B 29 -2.14 -15.45 -4.63
N ASP B 30 -3.12 -14.55 -4.60
CA ASP B 30 -3.32 -13.61 -5.70
C ASP B 30 -2.05 -12.82 -5.96
N LYS B 31 -1.40 -12.38 -4.89
CA LYS B 31 -0.14 -11.65 -5.00
C LYS B 31 0.89 -12.43 -5.79
N PHE B 32 0.93 -13.75 -5.58
CA PHE B 32 1.90 -14.59 -6.27
C PHE B 32 1.58 -14.72 -7.76
N TRP B 33 0.37 -15.16 -8.07
CA TRP B 33 -0.02 -15.40 -9.45
C TRP B 33 0.04 -14.13 -10.25
N LEU B 34 -0.37 -13.02 -9.65
CA LEU B 34 -0.36 -11.73 -10.32
C LEU B 34 1.06 -11.28 -10.61
N THR B 35 1.93 -11.40 -9.61
CA THR B 35 3.33 -11.02 -9.78
C THR B 35 4.05 -11.95 -10.74
N GLN B 36 3.73 -13.24 -10.68
CA GLN B 36 4.32 -14.20 -11.60
C GLN B 36 3.88 -13.91 -13.03
N TYR B 37 2.68 -13.35 -13.16
CA TYR B 37 2.13 -13.03 -14.47
C TYR B 37 2.85 -11.86 -15.12
N VAL B 38 3.00 -10.77 -14.36
CA VAL B 38 3.60 -9.55 -14.90
C VAL B 38 5.06 -9.79 -15.28
N ILE B 39 5.73 -10.64 -14.50
CA ILE B 39 7.13 -10.97 -14.77
C ILE B 39 7.23 -11.71 -16.10
N HIS B 40 6.26 -12.57 -16.37
CA HIS B 40 6.23 -13.31 -17.61
C HIS B 40 6.05 -12.42 -18.81
N ARG B 41 5.19 -11.42 -18.69
CA ARG B 41 4.82 -10.57 -19.81
C ARG B 41 5.78 -9.41 -20.03
N GLU B 42 6.27 -8.82 -18.94
CA GLU B 42 7.08 -7.60 -19.03
C GLU B 42 8.58 -7.90 -19.10
N SER B 43 8.98 -9.06 -18.60
CA SER B 43 10.38 -9.47 -18.68
C SER B 43 10.66 -10.06 -20.05
N TYR B 44 11.87 -9.83 -20.56
CA TYR B 44 12.32 -10.48 -21.78
C TYR B 44 13.66 -11.16 -21.58
N ASP B 45 13.65 -12.48 -21.73
CA ASP B 45 14.87 -13.28 -21.68
C ASP B 45 14.68 -14.44 -22.64
N PHE B 46 15.61 -14.57 -23.59
CA PHE B 46 15.46 -15.55 -24.66
C PHE B 46 15.42 -16.97 -24.10
N TYR B 47 16.07 -17.12 -22.95
CA TYR B 47 15.93 -18.32 -22.18
C TYR B 47 14.68 -18.00 -21.41
N SER B 48 13.66 -18.83 -21.61
CA SER B 48 12.34 -18.64 -20.97
C SER B 48 11.34 -17.79 -21.74
N VAL B 49 11.62 -17.47 -23.00
CA VAL B 49 10.68 -16.77 -23.86
C VAL B 49 9.48 -17.61 -24.29
N GLN B 50 9.70 -18.86 -24.65
CA GLN B 50 8.64 -19.79 -25.01
C GLN B 50 7.78 -20.11 -23.80
N VAL B 51 8.43 -20.28 -22.64
CA VAL B 51 7.72 -20.63 -21.42
C VAL B 51 6.93 -19.43 -20.87
N ASP B 52 7.53 -18.24 -20.93
CA ASP B 52 6.82 -17.03 -20.52
C ASP B 52 5.64 -16.80 -21.46
N TYR B 53 5.92 -16.86 -22.76
CA TYR B 53 4.88 -16.74 -23.78
C TYR B 53 3.81 -17.82 -23.58
N THR B 54 4.26 -19.01 -23.21
CA THR B 54 3.35 -20.12 -22.93
C THR B 54 2.56 -19.84 -21.67
N ALA B 55 3.26 -19.41 -20.62
CA ALA B 55 2.65 -19.15 -19.33
C ALA B 55 1.57 -18.08 -19.41
N VAL B 56 1.87 -17.00 -20.13
CA VAL B 56 0.90 -15.93 -20.33
C VAL B 56 -0.34 -16.47 -21.03
N GLY B 57 -0.13 -17.41 -21.95
CA GLY B 57 -1.22 -18.01 -22.69
C GLY B 57 -2.18 -18.78 -21.79
N LEU B 58 -1.61 -19.58 -20.90
CA LEU B 58 -2.41 -20.36 -19.96
C LEU B 58 -3.08 -19.45 -18.94
N MET B 59 -2.40 -18.36 -18.61
CA MET B 59 -2.82 -17.47 -17.54
C MET B 59 -3.52 -16.21 -18.07
N SER B 60 -4.16 -16.34 -19.22
CA SER B 60 -4.87 -15.21 -19.83
C SER B 60 -6.10 -15.65 -20.60
N THR B 61 -7.07 -14.74 -20.70
CA THR B 61 -8.20 -14.93 -21.58
C THR B 61 -7.73 -14.74 -23.02
N PRO B 62 -8.41 -15.37 -24.00
CA PRO B 62 -8.00 -15.25 -25.40
C PRO B 62 -7.96 -13.80 -25.90
N ASN B 63 -8.90 -12.97 -25.45
CA ASN B 63 -8.95 -11.58 -25.87
C ASN B 63 -7.69 -10.85 -25.44
N VAL B 64 -7.22 -11.17 -24.23
CA VAL B 64 -6.00 -10.58 -23.69
C VAL B 64 -4.78 -11.22 -24.33
N ALA B 65 -4.88 -12.50 -24.65
CA ALA B 65 -3.78 -13.23 -25.27
C ALA B 65 -3.54 -12.71 -26.69
N GLU B 66 -4.62 -12.49 -27.43
CA GLU B 66 -4.53 -11.99 -28.79
C GLU B 66 -3.80 -10.65 -28.83
N SER B 67 -4.02 -9.84 -27.80
CA SER B 67 -3.36 -8.53 -27.68
C SER B 67 -1.89 -8.72 -27.28
N TYR B 68 -1.61 -9.84 -26.61
CA TYR B 68 -0.25 -10.14 -26.16
C TYR B 68 0.53 -10.89 -27.23
N GLN B 69 -0.15 -11.77 -27.95
CA GLN B 69 0.49 -12.62 -28.95
C GLN B 69 0.83 -11.83 -30.21
N SER B 70 0.11 -10.75 -30.46
CA SER B 70 0.29 -9.96 -31.68
C SER B 70 1.71 -9.41 -31.80
N LYS B 71 2.35 -9.13 -30.67
CA LYS B 71 3.68 -8.55 -30.68
C LYS B 71 4.77 -9.61 -30.81
N PHE B 72 4.36 -10.85 -31.05
CA PHE B 72 5.29 -11.96 -31.25
C PHE B 72 5.17 -12.58 -32.64
N LYS B 73 4.25 -12.06 -33.44
CA LYS B 73 3.95 -12.64 -34.76
C LYS B 73 4.66 -11.90 -35.88
N GLY B 74 4.86 -12.62 -37.00
CA GLY B 74 5.48 -12.05 -38.18
C GLY B 74 6.99 -12.04 -38.10
N ARG B 75 7.63 -11.64 -39.20
CA ARG B 75 9.09 -11.47 -39.21
C ARG B 75 9.52 -10.59 -38.05
N ASN B 76 8.61 -9.73 -37.62
CA ASN B 76 8.88 -8.70 -36.64
C ASN B 76 8.72 -9.25 -35.22
N GLY B 77 8.50 -10.55 -35.12
CA GLY B 77 8.22 -11.18 -33.84
C GLY B 77 9.30 -10.83 -32.84
N LEU B 78 8.89 -10.42 -31.65
CA LEU B 78 9.82 -9.97 -30.61
C LEU B 78 10.94 -10.97 -30.40
N ASP B 79 10.64 -12.26 -30.56
CA ASP B 79 11.64 -13.31 -30.45
C ASP B 79 12.51 -13.37 -31.70
N LYS B 80 11.94 -12.99 -32.84
CA LYS B 80 12.65 -13.01 -34.11
C LYS B 80 13.45 -11.72 -34.35
N VAL B 81 13.25 -10.73 -33.49
CA VAL B 81 13.90 -9.43 -33.66
C VAL B 81 15.05 -9.25 -32.66
N LEU B 82 14.80 -9.57 -31.39
CA LEU B 82 15.76 -9.31 -30.33
C LEU B 82 16.78 -10.45 -30.19
N GLY B 83 16.30 -11.68 -30.22
CA GLY B 83 17.15 -12.82 -29.97
C GLY B 83 17.64 -12.83 -28.54
N ASP B 84 18.96 -12.86 -28.37
CA ASP B 84 19.57 -12.87 -27.05
C ASP B 84 20.42 -11.63 -26.85
N SER B 85 20.12 -10.58 -27.63
CA SER B 85 20.94 -9.38 -27.66
C SER B 85 20.68 -8.45 -26.47
N GLU B 86 19.51 -8.58 -25.84
CA GLU B 86 19.16 -7.73 -24.71
C GLU B 86 18.24 -8.46 -23.74
N THR B 87 18.04 -7.86 -22.57
CA THR B 87 17.19 -8.44 -21.54
C THR B 87 16.42 -7.36 -20.80
N THR B 88 15.40 -7.78 -20.06
CA THR B 88 14.64 -6.90 -19.19
C THR B 88 14.14 -7.70 -17.99
N ARG B 89 14.60 -7.33 -16.80
CA ARG B 89 14.15 -8.00 -15.57
C ARG B 89 13.11 -7.13 -14.88
N VAL B 90 12.24 -7.79 -14.11
CA VAL B 90 11.17 -7.10 -13.40
C VAL B 90 11.33 -7.23 -11.89
N LYS B 91 11.08 -6.13 -11.19
CA LYS B 91 11.07 -6.11 -9.74
C LYS B 91 9.80 -5.42 -9.27
N ILE B 92 8.97 -6.15 -8.53
CA ILE B 92 7.71 -5.61 -8.03
C ILE B 92 7.98 -4.65 -6.88
N ASN B 93 7.38 -3.46 -6.98
CA ASN B 93 7.52 -2.44 -5.94
C ASN B 93 6.37 -2.44 -4.93
N SER B 94 5.15 -2.67 -5.41
CA SER B 94 3.97 -2.69 -4.55
C SER B 94 2.82 -3.45 -5.20
N VAL B 95 1.89 -3.92 -4.38
CA VAL B 95 0.73 -4.64 -4.87
C VAL B 95 -0.52 -4.25 -4.07
N ILE B 96 -1.58 -3.89 -4.79
CA ILE B 96 -2.85 -3.52 -4.18
C ILE B 96 -3.96 -4.37 -4.78
N LEU B 97 -4.82 -4.90 -3.92
CA LEU B 97 -5.85 -5.84 -4.34
C LEU B 97 -7.27 -5.31 -4.14
N ASP B 98 -8.14 -5.68 -5.07
CA ASP B 98 -9.57 -5.49 -4.93
C ASP B 98 -10.22 -6.86 -5.10
N LYS B 99 -10.21 -7.62 -4.00
CA LYS B 99 -10.58 -9.03 -4.02
C LYS B 99 -12.01 -9.30 -4.45
N PRO B 100 -12.95 -8.50 -3.97
CA PRO B 100 -14.36 -8.73 -4.35
C PRO B 100 -14.66 -8.42 -5.82
N HIS B 101 -13.86 -7.55 -6.43
CA HIS B 101 -14.04 -7.19 -7.83
C HIS B 101 -13.05 -7.85 -8.76
N GLY B 102 -12.12 -8.61 -8.21
CA GLY B 102 -11.09 -9.28 -9.00
C GLY B 102 -10.24 -8.29 -9.76
N VAL B 103 -9.97 -7.14 -9.12
CA VAL B 103 -9.16 -6.09 -9.70
C VAL B 103 -7.92 -5.84 -8.85
N ALA B 104 -6.81 -5.52 -9.49
CA ALA B 104 -5.55 -5.29 -8.79
C ALA B 104 -4.73 -4.21 -9.47
N THR B 105 -4.02 -3.43 -8.67
CA THR B 105 -3.09 -2.42 -9.17
C THR B 105 -1.70 -2.75 -8.64
N ILE B 106 -0.71 -2.74 -9.53
CA ILE B 106 0.66 -3.08 -9.17
C ILE B 106 1.64 -2.07 -9.74
N ARG B 107 2.68 -1.78 -8.96
CA ARG B 107 3.76 -0.91 -9.39
C ARG B 107 5.05 -1.72 -9.40
N PHE B 108 5.75 -1.69 -10.53
CA PHE B 108 6.95 -2.49 -10.71
C PHE B 108 7.99 -1.71 -11.49
N THR B 109 9.22 -2.20 -11.48
CA THR B 109 10.33 -1.53 -12.15
C THR B 109 11.03 -2.48 -13.10
N THR B 110 11.20 -2.04 -14.34
CA THR B 110 11.93 -2.80 -15.36
C THR B 110 13.33 -2.23 -15.57
N VAL B 111 14.32 -3.10 -15.59
CA VAL B 111 15.70 -2.72 -15.85
C VAL B 111 16.22 -3.45 -17.08
N ARG B 112 16.46 -2.69 -18.15
CA ARG B 112 16.90 -3.25 -19.41
C ARG B 112 18.42 -3.34 -19.48
N ARG B 113 18.93 -4.37 -20.15
CA ARG B 113 20.36 -4.57 -20.32
C ARG B 113 20.67 -5.06 -21.73
N VAL B 114 21.37 -4.22 -22.49
CA VAL B 114 21.78 -4.57 -23.85
C VAL B 114 23.14 -5.26 -23.81
N ARG B 115 23.20 -6.49 -24.32
CA ARG B 115 24.42 -7.29 -24.28
C ARG B 115 25.57 -6.60 -25.00
N SER B 116 25.24 -5.76 -25.97
CA SER B 116 26.25 -4.97 -26.67
C SER B 116 26.92 -4.02 -25.69
N ASN B 117 26.12 -3.40 -24.82
CA ASN B 117 26.64 -2.50 -23.78
C ASN B 117 27.33 -3.23 -22.62
N PRO B 118 28.25 -2.55 -21.95
CA PRO B 118 28.89 -3.08 -20.75
C PRO B 118 28.02 -2.94 -19.51
N VAL B 119 27.11 -1.98 -19.55
CA VAL B 119 26.27 -1.64 -18.40
C VAL B 119 24.78 -1.87 -18.67
N ASP B 120 23.98 -1.75 -17.62
CA ASP B 120 22.54 -1.90 -17.71
C ASP B 120 21.86 -0.55 -17.93
N ASP B 121 20.74 -0.54 -18.65
CA ASP B 121 19.98 0.68 -18.86
C ASP B 121 19.33 1.12 -17.56
N GLN B 122 18.92 2.39 -17.50
CA GLN B 122 18.25 2.91 -16.31
C GLN B 122 16.93 2.17 -16.06
N PRO B 123 16.49 2.09 -14.80
CA PRO B 123 15.22 1.41 -14.53
C PRO B 123 14.01 2.18 -15.08
N GLN B 124 12.90 1.48 -15.27
CA GLN B 124 11.66 2.09 -15.76
C GLN B 124 10.46 1.63 -14.93
N ARG B 125 9.73 2.60 -14.38
CA ARG B 125 8.56 2.31 -13.55
C ARG B 125 7.27 2.42 -14.37
N TRP B 126 6.29 1.58 -14.01
CA TRP B 126 4.99 1.55 -14.68
C TRP B 126 3.90 1.09 -13.74
N ILE B 127 2.64 1.35 -14.11
CA ILE B 127 1.51 0.92 -13.31
C ILE B 127 0.56 0.06 -14.15
N ALA B 128 0.33 -1.16 -13.71
CA ALA B 128 -0.53 -2.10 -14.43
C ALA B 128 -1.84 -2.34 -13.69
N ILE B 129 -2.95 -2.05 -14.35
CA ILE B 129 -4.27 -2.37 -13.83
C ILE B 129 -4.72 -3.69 -14.41
N MET B 130 -5.07 -4.62 -13.53
CA MET B 130 -5.37 -5.99 -13.93
C MET B 130 -6.74 -6.44 -13.45
N GLY B 131 -7.45 -7.14 -14.32
CA GLY B 131 -8.65 -7.87 -13.94
C GLY B 131 -8.29 -9.34 -13.95
N TYR B 132 -8.72 -10.08 -12.93
CA TYR B 132 -8.29 -11.47 -12.80
C TYR B 132 -9.31 -12.36 -12.12
N GLU B 133 -9.15 -13.65 -12.33
CA GLU B 133 -9.91 -14.68 -11.67
C GLU B 133 -9.26 -16.05 -11.82
N TYR B 134 -9.81 -17.00 -11.10
CA TYR B 134 -9.44 -18.36 -11.27
C TYR B 134 -10.67 -19.10 -11.70
N LYS B 135 -10.56 -19.95 -12.70
CA LYS B 135 -11.74 -20.62 -13.22
C LYS B 135 -11.51 -22.11 -13.45
N SER B 136 -12.53 -22.92 -13.20
CA SER B 136 -12.36 -24.34 -13.36
C SER B 136 -12.39 -24.58 -14.85
N LEU B 137 -11.22 -24.96 -15.36
CA LEU B 137 -11.03 -25.25 -16.77
C LEU B 137 -10.07 -26.42 -16.92
N ALA B 138 -10.50 -27.44 -17.66
CA ALA B 138 -9.71 -28.65 -17.85
C ALA B 138 -8.35 -28.31 -18.46
N MET B 139 -7.32 -29.04 -18.03
CA MET B 139 -5.96 -28.77 -18.45
C MET B 139 -5.20 -30.07 -18.77
N ASN B 140 -4.20 -29.94 -19.64
CA ASN B 140 -3.35 -31.05 -20.04
C ASN B 140 -2.24 -31.25 -19.02
N ALA B 141 -1.32 -32.17 -19.32
CA ALA B 141 -0.26 -32.51 -18.37
C ALA B 141 0.68 -31.34 -18.12
N GLU B 142 0.86 -30.49 -19.14
CA GLU B 142 1.79 -29.38 -19.07
C GLU B 142 1.14 -28.14 -18.46
N GLN B 143 -0.14 -27.95 -18.78
CA GLN B 143 -0.89 -26.80 -18.29
C GLN B 143 -1.18 -26.94 -16.81
N ARG B 144 -1.20 -28.18 -16.32
CA ARG B 144 -1.47 -28.47 -14.93
C ARG B 144 -0.24 -28.15 -14.07
N TYR B 145 0.93 -28.44 -14.63
CA TYR B 145 2.20 -28.27 -13.96
C TYR B 145 2.58 -26.78 -13.81
N VAL B 146 1.90 -25.92 -14.57
CA VAL B 146 2.13 -24.48 -14.51
C VAL B 146 1.06 -23.69 -13.73
N ASN B 147 -0.20 -24.01 -14.00
CA ASN B 147 -1.34 -23.33 -13.36
C ASN B 147 -2.43 -24.30 -12.84
N PRO B 148 -2.22 -24.92 -11.69
CA PRO B 148 -3.18 -25.89 -11.17
C PRO B 148 -4.52 -25.28 -10.78
N LEU B 149 -4.56 -23.97 -10.56
CA LEU B 149 -5.74 -23.30 -10.03
C LEU B 149 -6.55 -22.59 -11.12
N GLY B 150 -6.00 -22.52 -12.32
CA GLY B 150 -6.70 -21.93 -13.44
C GLY B 150 -6.77 -20.41 -13.38
N PHE B 151 -5.77 -19.80 -12.75
CA PHE B 151 -5.67 -18.35 -12.72
C PHE B 151 -5.57 -17.79 -14.12
N ARG B 152 -6.41 -16.80 -14.44
CA ARG B 152 -6.36 -16.15 -15.74
C ARG B 152 -6.64 -14.66 -15.63
N VAL B 153 -5.91 -13.87 -16.40
CA VAL B 153 -6.09 -12.43 -16.42
C VAL B 153 -7.12 -12.05 -17.49
N THR B 154 -7.99 -11.11 -17.13
CA THR B 154 -9.12 -10.75 -17.97
C THR B 154 -9.00 -9.32 -18.50
N SER B 155 -8.11 -8.54 -17.90
CA SER B 155 -7.88 -7.16 -18.31
C SER B 155 -6.42 -6.78 -18.15
N TYR B 156 -5.94 -5.90 -19.02
CA TYR B 156 -4.55 -5.46 -18.95
C TYR B 156 -4.36 -4.11 -19.62
N ARG B 157 -3.77 -3.17 -18.91
CA ARG B 157 -3.32 -1.92 -19.49
C ARG B 157 -2.07 -1.44 -18.77
N VAL B 158 -1.14 -0.87 -19.53
CA VAL B 158 0.09 -0.32 -18.96
C VAL B 158 0.20 1.15 -19.29
N ASN B 159 0.35 1.96 -18.24
CA ASN B 159 0.52 3.41 -18.37
C ASN B 159 1.66 3.90 -17.49
N PRO B 160 2.30 4.99 -17.93
CA PRO B 160 3.43 5.58 -17.20
C PRO B 160 3.00 6.24 -15.90
N GLU B 161 3.97 6.54 -15.03
CA GLU B 161 3.67 7.13 -13.72
C GLU B 161 4.20 8.55 -13.63
N GLN C 22 -8.03 11.54 22.98
CA GLN C 22 -8.39 10.16 22.67
C GLN C 22 -7.20 9.37 22.13
N THR C 23 -7.43 8.09 21.87
CA THR C 23 -6.39 7.19 21.37
C THR C 23 -6.55 6.96 19.87
N SER C 24 -7.78 6.83 19.41
CA SER C 24 -8.08 6.56 18.00
C SER C 24 -8.68 7.79 17.33
N TYR C 25 -8.14 8.13 16.15
CA TYR C 25 -8.52 9.38 15.48
C TYR C 25 -8.87 9.24 14.00
N GLY C 26 -8.54 8.10 13.39
CA GLY C 26 -8.85 7.86 12.00
C GLY C 26 -7.63 7.79 11.11
N ASP C 27 -7.74 7.02 10.03
CA ASP C 27 -6.60 6.75 9.16
C ASP C 27 -6.22 7.93 8.29
N GLU C 28 -7.20 8.53 7.62
CA GLU C 28 -6.93 9.60 6.67
C GLU C 28 -6.37 10.84 7.37
N ILE C 29 -6.69 10.99 8.65
CA ILE C 29 -6.18 12.10 9.43
C ILE C 29 -4.72 11.86 9.81
N ASP C 30 -4.42 10.65 10.27
CA ASP C 30 -3.04 10.29 10.60
C ASP C 30 -2.18 10.43 9.37
N LYS C 31 -2.72 10.03 8.22
CA LYS C 31 -2.04 10.18 6.94
C LYS C 31 -1.72 11.65 6.67
N PHE C 32 -2.61 12.53 7.10
CA PHE C 32 -2.46 13.96 6.83
C PHE C 32 -1.33 14.59 7.65
N TRP C 33 -1.34 14.37 8.96
CA TRP C 33 -0.39 15.04 9.83
C TRP C 33 1.01 14.65 9.45
N LEU C 34 1.18 13.40 9.05
CA LEU C 34 2.50 12.86 8.74
C LEU C 34 3.10 13.46 7.47
N THR C 35 2.34 13.41 6.39
CA THR C 35 2.80 13.92 5.10
C THR C 35 3.19 15.39 5.20
N GLN C 36 2.33 16.18 5.83
CA GLN C 36 2.58 17.61 6.00
C GLN C 36 3.75 17.86 6.94
N TYR C 37 4.00 16.92 7.85
CA TYR C 37 5.13 17.03 8.76
C TYR C 37 6.44 16.81 8.00
N VAL C 38 6.45 15.83 7.11
CA VAL C 38 7.61 15.59 6.25
C VAL C 38 7.87 16.82 5.40
N ILE C 39 6.81 17.39 4.84
CA ILE C 39 6.91 18.58 4.01
C ILE C 39 7.43 19.76 4.84
N HIS C 40 7.00 19.82 6.10
CA HIS C 40 7.50 20.82 7.03
C HIS C 40 8.96 20.64 7.32
N ARG C 41 9.37 19.38 7.46
CA ARG C 41 10.69 19.04 7.97
C ARG C 41 11.74 18.82 6.88
N GLU C 42 11.31 18.27 5.74
CA GLU C 42 12.24 17.89 4.68
C GLU C 42 12.33 18.93 3.56
N SER C 43 11.34 19.81 3.49
CA SER C 43 11.38 20.89 2.51
C SER C 43 12.26 22.02 3.01
N TYR C 44 12.89 22.75 2.08
CA TYR C 44 13.60 23.96 2.43
C TYR C 44 13.16 25.14 1.57
N ASP C 45 12.61 26.15 2.24
CA ASP C 45 12.24 27.41 1.60
C ASP C 45 12.46 28.52 2.61
N PHE C 46 13.35 29.45 2.28
CA PHE C 46 13.81 30.46 3.23
C PHE C 46 12.67 31.25 3.89
N TYR C 47 11.51 31.26 3.25
CA TYR C 47 10.35 31.92 3.80
C TYR C 47 9.58 30.96 4.72
N SER C 48 9.11 31.49 5.84
CA SER C 48 8.35 30.71 6.81
C SER C 48 9.20 29.65 7.50
N VAL C 49 10.53 29.76 7.39
CA VAL C 49 11.41 28.80 8.07
C VAL C 49 11.14 28.78 9.55
N GLN C 50 11.10 29.97 10.16
CA GLN C 50 10.96 30.08 11.60
C GLN C 50 9.66 29.47 12.11
N VAL C 51 8.57 29.78 11.43
CA VAL C 51 7.30 29.17 11.78
C VAL C 51 7.31 27.67 11.52
N ASP C 52 7.78 27.28 10.35
CA ASP C 52 7.90 25.85 10.05
C ASP C 52 8.79 25.21 11.10
N TYR C 53 9.92 25.85 11.34
CA TYR C 53 10.86 25.44 12.39
C TYR C 53 10.15 25.40 13.73
N THR C 54 9.31 26.40 13.97
CA THR C 54 8.50 26.45 15.20
C THR C 54 7.46 25.33 15.15
N ALA C 55 6.74 25.26 14.04
CA ALA C 55 5.67 24.28 13.87
C ALA C 55 6.19 22.86 14.08
N VAL C 56 7.26 22.51 13.37
CA VAL C 56 7.92 21.22 13.58
C VAL C 56 8.28 21.09 15.06
N GLY C 57 8.66 22.21 15.67
CA GLY C 57 8.96 22.23 17.09
C GLY C 57 7.70 21.97 17.91
N LEU C 58 6.61 22.60 17.53
CA LEU C 58 5.32 22.39 18.19
C LEU C 58 4.82 20.97 17.90
N MET C 59 5.21 20.44 16.75
CA MET C 59 4.72 19.15 16.28
C MET C 59 5.63 18.01 16.71
N SER C 60 6.57 18.30 17.60
CA SER C 60 7.62 17.34 17.96
C SER C 60 7.99 17.41 19.43
N THR C 61 8.46 16.29 19.95
CA THR C 61 9.04 16.25 21.29
C THR C 61 10.39 16.97 21.24
N PRO C 62 10.80 17.58 22.37
CA PRO C 62 12.08 18.30 22.39
C PRO C 62 13.28 17.43 22.02
N ASN C 63 13.28 16.18 22.50
CA ASN C 63 14.40 15.27 22.28
C ASN C 63 14.65 14.93 20.82
N VAL C 64 13.58 14.68 20.06
CA VAL C 64 13.72 14.35 18.65
C VAL C 64 13.79 15.62 17.81
N ALA C 65 13.22 16.69 18.35
CA ALA C 65 13.23 17.99 17.68
C ALA C 65 14.62 18.62 17.77
N GLU C 66 15.28 18.46 18.91
CA GLU C 66 16.61 18.99 19.08
C GLU C 66 17.55 18.43 18.02
N SER C 67 17.29 17.19 17.59
CA SER C 67 18.04 16.59 16.51
C SER C 67 17.76 17.34 15.21
N TYR C 68 16.55 17.89 15.12
CA TYR C 68 16.16 18.73 13.99
C TYR C 68 16.63 20.18 14.22
N GLN C 69 16.72 20.58 15.49
CA GLN C 69 17.17 21.93 15.83
C GLN C 69 18.69 22.05 15.76
N SER C 70 19.38 20.97 16.11
CA SER C 70 20.84 20.97 16.16
C SER C 70 21.45 21.40 14.84
N LYS C 71 20.77 21.06 13.75
CA LYS C 71 21.25 21.36 12.41
C LYS C 71 20.81 22.75 11.97
N PHE C 72 20.10 23.45 12.85
CA PHE C 72 19.62 24.80 12.56
C PHE C 72 20.06 25.80 13.64
N LYS C 73 20.64 25.28 14.73
CA LYS C 73 21.13 26.12 15.81
C LYS C 73 22.64 26.28 15.76
N GLY C 74 23.13 27.36 16.36
CA GLY C 74 24.55 27.63 16.39
C GLY C 74 25.06 28.28 15.12
N ARG C 75 26.31 28.68 15.11
CA ARG C 75 26.92 29.37 13.98
C ARG C 75 26.82 28.56 12.68
N ASN C 76 26.56 27.27 12.83
CA ASN C 76 26.54 26.32 11.72
C ASN C 76 25.12 26.17 11.15
N GLY C 77 24.23 27.08 11.54
CA GLY C 77 22.81 26.93 11.26
C GLY C 77 22.53 26.84 9.77
N LEU C 78 21.69 25.88 9.41
CA LEU C 78 21.35 25.62 8.00
C LEU C 78 20.82 26.86 7.29
N ASP C 79 20.04 27.65 8.02
CA ASP C 79 19.46 28.88 7.46
C ASP C 79 20.54 29.92 7.17
N LYS C 80 21.59 29.91 7.97
CA LYS C 80 22.67 30.89 7.85
C LYS C 80 23.74 30.44 6.86
N VAL C 81 23.59 29.22 6.34
CA VAL C 81 24.50 28.70 5.31
C VAL C 81 23.84 28.81 3.94
N LEU C 82 22.63 28.29 3.83
CA LEU C 82 21.90 28.30 2.57
C LEU C 82 21.25 29.65 2.32
N GLY C 83 20.64 30.20 3.37
CA GLY C 83 19.97 31.49 3.26
C GLY C 83 18.81 31.44 2.29
N ASP C 84 18.89 32.27 1.25
CA ASP C 84 17.85 32.37 0.24
C ASP C 84 18.41 32.02 -1.13
N SER C 85 19.54 31.33 -1.14
CA SER C 85 20.25 31.01 -2.38
C SER C 85 19.68 29.79 -3.09
N GLU C 86 18.92 28.97 -2.36
CA GLU C 86 18.33 27.77 -2.93
C GLU C 86 17.05 27.37 -2.21
N THR C 87 16.40 26.33 -2.72
CA THR C 87 15.17 25.82 -2.13
C THR C 87 15.06 24.31 -2.34
N THR C 88 14.21 23.67 -1.54
CA THR C 88 13.96 22.24 -1.66
C THR C 88 12.49 21.96 -1.34
N ARG C 89 11.76 21.45 -2.33
CA ARG C 89 10.34 21.16 -2.16
C ARG C 89 10.10 19.65 -2.08
N VAL C 90 8.96 19.27 -1.50
CA VAL C 90 8.63 17.86 -1.29
C VAL C 90 7.35 17.49 -2.04
N LYS C 91 7.32 16.26 -2.54
CA LYS C 91 6.16 15.72 -3.25
C LYS C 91 5.82 14.34 -2.73
N ILE C 92 4.64 14.21 -2.11
CA ILE C 92 4.22 12.95 -1.51
C ILE C 92 3.79 11.96 -2.59
N ASN C 93 4.32 10.74 -2.50
CA ASN C 93 3.97 9.66 -3.43
C ASN C 93 3.01 8.61 -2.86
N SER C 94 3.21 8.24 -1.59
CA SER C 94 2.39 7.21 -0.96
C SER C 94 2.47 7.27 0.57
N VAL C 95 1.48 6.70 1.23
CA VAL C 95 1.42 6.65 2.69
C VAL C 95 0.79 5.35 3.16
N ILE C 96 1.44 4.70 4.13
CA ILE C 96 0.94 3.47 4.72
C ILE C 96 1.00 3.59 6.25
N LEU C 97 -0.02 3.06 6.92
CA LEU C 97 -0.14 3.19 8.37
C LEU C 97 0.02 1.88 9.13
N ASP C 98 0.52 2.01 10.36
CA ASP C 98 0.50 0.92 11.34
C ASP C 98 -0.15 1.48 12.61
N LYS C 99 -1.47 1.52 12.59
CA LYS C 99 -2.24 2.28 13.58
C LYS C 99 -2.03 1.84 15.04
N PRO C 100 -2.14 0.52 15.31
CA PRO C 100 -2.11 0.08 16.71
C PRO C 100 -0.81 0.41 17.45
N HIS C 101 0.27 0.62 16.70
CA HIS C 101 1.55 0.97 17.29
C HIS C 101 1.87 2.45 17.19
N GLY C 102 0.99 3.22 16.55
CA GLY C 102 1.24 4.63 16.35
C GLY C 102 2.46 4.84 15.48
N VAL C 103 2.62 3.96 14.48
CA VAL C 103 3.76 3.99 13.58
C VAL C 103 3.27 4.13 12.14
N ALA C 104 4.06 4.82 11.32
CA ALA C 104 3.70 5.03 9.93
C ALA C 104 4.94 5.20 9.05
N THR C 105 4.78 4.87 7.77
CA THR C 105 5.87 5.00 6.80
C THR C 105 5.40 5.80 5.59
N ILE C 106 6.24 6.74 5.15
CA ILE C 106 5.92 7.59 4.02
C ILE C 106 7.07 7.60 3.01
N ARG C 107 6.72 7.71 1.74
CA ARG C 107 7.69 7.74 0.64
C ARG C 107 7.49 9.00 -0.18
N PHE C 108 8.58 9.74 -0.41
CA PHE C 108 8.49 11.04 -1.07
C PHE C 108 9.66 11.32 -2.00
N THR C 109 9.52 12.36 -2.81
CA THR C 109 10.53 12.77 -3.78
C THR C 109 10.81 14.26 -3.64
N THR C 110 12.10 14.61 -3.56
CA THR C 110 12.50 16.01 -3.41
C THR C 110 13.16 16.55 -4.68
N VAL C 111 12.87 17.81 -4.97
CA VAL C 111 13.49 18.51 -6.10
C VAL C 111 14.09 19.83 -5.60
N ARG C 112 15.40 19.94 -5.68
CA ARG C 112 16.12 21.12 -5.21
C ARG C 112 16.35 22.11 -6.35
N ARG C 113 16.40 23.40 -6.01
CA ARG C 113 16.60 24.45 -6.99
C ARG C 113 17.58 25.49 -6.47
N VAL C 114 18.69 25.65 -7.19
CA VAL C 114 19.66 26.71 -6.91
C VAL C 114 19.24 27.97 -7.64
N ARG C 115 19.03 29.05 -6.89
CA ARG C 115 18.57 30.31 -7.47
C ARG C 115 19.52 30.81 -8.56
N SER C 116 20.80 30.53 -8.39
CA SER C 116 21.80 30.90 -9.38
C SER C 116 21.59 30.13 -10.67
N ASN C 117 21.29 28.83 -10.54
CA ASN C 117 21.02 28.00 -11.72
C ASN C 117 19.70 28.38 -12.37
N PRO C 118 19.62 28.31 -13.70
CA PRO C 118 18.36 28.65 -14.37
C PRO C 118 17.28 27.57 -14.23
N VAL C 119 17.69 26.31 -14.08
CA VAL C 119 16.75 25.20 -13.99
C VAL C 119 16.83 24.49 -12.63
N ASP C 120 16.00 23.46 -12.46
CA ASP C 120 15.93 22.73 -11.20
C ASP C 120 16.87 21.52 -11.20
N ASP C 121 17.33 21.12 -10.02
CA ASP C 121 18.19 19.96 -9.88
C ASP C 121 17.42 18.67 -10.12
N GLN C 122 18.14 17.59 -10.37
CA GLN C 122 17.52 16.29 -10.62
C GLN C 122 16.84 15.76 -9.36
N PRO C 123 15.72 15.04 -9.52
CA PRO C 123 15.01 14.54 -8.33
C PRO C 123 15.76 13.45 -7.58
N GLN C 124 15.38 13.25 -6.32
CA GLN C 124 15.91 12.15 -5.50
C GLN C 124 14.81 11.63 -4.58
N ARG C 125 14.66 10.33 -4.47
CA ARG C 125 13.59 9.78 -3.66
C ARG C 125 14.07 9.12 -2.41
N TRP C 126 13.27 9.26 -1.38
CA TRP C 126 13.64 8.87 -0.02
C TRP C 126 12.47 8.29 0.74
N ILE C 127 12.76 7.59 1.83
CA ILE C 127 11.73 6.98 2.67
C ILE C 127 11.90 7.42 4.13
N ALA C 128 10.81 7.88 4.74
CA ALA C 128 10.84 8.35 6.12
C ALA C 128 10.09 7.41 7.06
N ILE C 129 10.77 6.97 8.12
CA ILE C 129 10.18 6.13 9.15
C ILE C 129 9.86 6.99 10.37
N MET C 130 8.63 6.89 10.87
CA MET C 130 8.14 7.81 11.89
C MET C 130 7.39 7.11 13.02
N GLY C 131 7.56 7.65 14.23
CA GLY C 131 6.75 7.28 15.38
C GLY C 131 5.99 8.51 15.84
N TYR C 132 4.77 8.30 16.32
CA TYR C 132 3.90 9.42 16.68
C TYR C 132 2.84 9.02 17.71
N GLU C 133 2.34 10.04 18.42
CA GLU C 133 1.33 9.84 19.47
C GLU C 133 0.59 11.14 19.80
N TYR C 134 -0.53 11.03 20.51
CA TYR C 134 -1.24 12.18 21.03
C TYR C 134 -1.13 12.21 22.56
N MET C 139 -3.29 24.35 26.14
CA MET C 139 -2.53 25.22 25.26
C MET C 139 -2.93 26.68 25.34
N ASN C 140 -1.97 27.52 24.98
CA ASN C 140 -2.15 28.95 24.76
C ASN C 140 -2.65 29.19 23.33
N ALA C 141 -2.77 30.45 22.96
CA ALA C 141 -3.39 30.81 21.69
C ALA C 141 -2.68 30.26 20.45
N GLU C 142 -1.37 30.03 20.56
CA GLU C 142 -0.57 29.70 19.38
C GLU C 142 -0.41 28.20 19.16
N GLN C 143 -0.42 27.43 20.24
CA GLN C 143 -0.21 25.99 20.13
C GLN C 143 -1.42 25.25 19.56
N ARG C 144 -2.61 25.81 19.74
CA ARG C 144 -3.84 25.16 19.29
C ARG C 144 -4.00 25.25 17.77
N TYR C 145 -3.78 26.44 17.23
CA TYR C 145 -4.08 26.73 15.84
C TYR C 145 -3.21 25.94 14.85
N VAL C 146 -2.05 25.49 15.31
CA VAL C 146 -1.16 24.70 14.46
C VAL C 146 -1.37 23.21 14.73
N ASN C 147 -1.42 22.88 16.00
CA ASN C 147 -1.87 21.58 16.44
C ASN C 147 -2.93 21.82 17.48
N PRO C 148 -4.13 21.35 17.20
CA PRO C 148 -5.17 21.32 18.24
C PRO C 148 -5.21 20.01 19.04
N LEU C 149 -4.55 18.98 18.54
CA LEU C 149 -4.71 17.63 19.07
C LEU C 149 -3.57 17.19 19.99
N GLY C 150 -2.53 18.01 20.11
CA GLY C 150 -1.38 17.64 20.90
C GLY C 150 -0.59 16.52 20.23
N PHE C 151 -0.79 16.37 18.92
CA PHE C 151 -0.06 15.39 18.14
C PHE C 151 1.44 15.68 18.18
N ARG C 152 2.23 14.70 18.58
CA ARG C 152 3.67 14.89 18.73
C ARG C 152 4.46 13.75 18.09
N VAL C 153 5.57 14.10 17.46
CA VAL C 153 6.48 13.13 16.87
C VAL C 153 7.56 12.78 17.89
N THR C 154 7.92 11.50 17.96
CA THR C 154 8.87 11.02 18.96
C THR C 154 10.07 10.32 18.32
N SER C 155 9.95 9.97 17.04
CA SER C 155 11.03 9.31 16.33
C SER C 155 11.04 9.72 14.86
N TYR C 156 12.20 9.68 14.22
CA TYR C 156 12.34 10.13 12.84
C TYR C 156 13.62 9.59 12.21
N ARG C 157 13.47 8.92 11.07
CA ARG C 157 14.61 8.41 10.33
C ARG C 157 14.30 8.31 8.84
N VAL C 158 15.21 8.85 8.02
CA VAL C 158 15.05 8.85 6.57
C VAL C 158 16.09 7.95 5.91
N ASN C 159 15.65 7.20 4.90
CA ASN C 159 16.53 6.32 4.14
C ASN C 159 16.23 6.38 2.64
N PRO C 160 17.24 6.10 1.83
CA PRO C 160 17.11 6.05 0.37
C PRO C 160 16.53 4.74 -0.15
N GLU C 161 16.24 4.68 -1.46
CA GLU C 161 15.67 3.49 -2.07
C GLU C 161 16.68 2.82 -3.00
N GLN D 22 1.03 -36.47 -6.74
CA GLN D 22 1.94 -36.76 -7.85
C GLN D 22 3.36 -36.31 -7.53
N THR D 23 3.48 -35.45 -6.52
CA THR D 23 4.77 -34.99 -6.04
C THR D 23 5.34 -33.83 -6.86
N SER D 24 4.57 -33.35 -7.85
CA SER D 24 5.00 -32.23 -8.67
C SER D 24 3.88 -31.22 -8.89
N TYR D 25 4.20 -29.93 -8.83
CA TYR D 25 3.21 -28.89 -9.12
C TYR D 25 3.77 -27.71 -9.90
N GLY D 26 5.10 -27.64 -10.04
CA GLY D 26 5.73 -26.53 -10.72
C GLY D 26 6.94 -26.02 -9.95
N ASP D 27 7.86 -25.37 -10.66
CA ASP D 27 9.09 -24.90 -10.05
C ASP D 27 8.90 -23.61 -9.27
N GLU D 28 8.30 -22.60 -9.90
CA GLU D 28 8.10 -21.31 -9.25
C GLU D 28 7.05 -21.42 -8.15
N ILE D 29 6.19 -22.43 -8.26
CA ILE D 29 5.12 -22.63 -7.30
C ILE D 29 5.64 -23.21 -5.99
N ASP D 30 6.39 -24.31 -6.09
CA ASP D 30 6.99 -24.93 -4.91
C ASP D 30 7.89 -23.94 -4.20
N LYS D 31 8.54 -23.08 -4.97
CA LYS D 31 9.40 -22.02 -4.46
C LYS D 31 8.62 -21.08 -3.53
N PHE D 32 7.34 -20.88 -3.84
CA PHE D 32 6.50 -19.97 -3.07
C PHE D 32 6.08 -20.56 -1.74
N TRP D 33 5.52 -21.76 -1.76
CA TRP D 33 4.94 -22.36 -0.58
C TRP D 33 5.96 -22.53 0.51
N LEU D 34 7.17 -22.92 0.13
CA LEU D 34 8.23 -23.14 1.10
C LEU D 34 8.64 -21.84 1.77
N THR D 35 8.81 -20.78 0.98
CA THR D 35 9.21 -19.48 1.52
C THR D 35 8.20 -18.93 2.50
N GLN D 36 6.91 -19.02 2.16
CA GLN D 36 5.85 -18.53 3.03
C GLN D 36 5.83 -19.28 4.35
N TYR D 37 6.17 -20.56 4.31
CA TYR D 37 6.19 -21.39 5.51
C TYR D 37 7.24 -20.89 6.49
N VAL D 38 8.39 -20.49 5.95
CA VAL D 38 9.48 -19.96 6.75
C VAL D 38 9.06 -18.65 7.40
N ILE D 39 8.54 -17.76 6.57
CA ILE D 39 8.06 -16.47 7.03
C ILE D 39 6.99 -16.65 8.09
N HIS D 40 6.18 -17.69 7.92
CA HIS D 40 5.19 -18.07 8.91
C HIS D 40 5.81 -18.54 10.21
N ARG D 41 6.89 -19.31 10.10
CA ARG D 41 7.46 -20.01 11.24
C ARG D 41 8.46 -19.19 12.05
N GLU D 42 9.29 -18.42 11.36
CA GLU D 42 10.41 -17.73 12.01
C GLU D 42 10.11 -16.26 12.32
N SER D 43 9.09 -15.71 11.68
CA SER D 43 8.69 -14.33 11.95
C SER D 43 7.84 -14.28 13.21
N TYR D 44 7.94 -13.18 13.95
CA TYR D 44 7.11 -12.97 15.12
C TYR D 44 6.47 -11.59 15.11
N ASP D 45 5.15 -11.57 15.09
CA ASP D 45 4.38 -10.34 15.22
C ASP D 45 3.07 -10.67 15.91
N PHE D 46 2.80 -9.97 17.01
CA PHE D 46 1.68 -10.27 17.89
C PHE D 46 0.34 -10.36 17.16
N TYR D 47 0.20 -9.58 16.10
CA TYR D 47 -1.04 -9.51 15.36
C TYR D 47 -1.06 -10.50 14.20
N SER D 48 -0.07 -11.40 14.20
CA SER D 48 0.02 -12.48 13.20
C SER D 48 0.16 -13.88 13.79
N VAL D 49 0.21 -13.99 15.11
CA VAL D 49 0.61 -15.23 15.77
C VAL D 49 -0.34 -16.39 15.41
N GLN D 50 -1.64 -16.15 15.51
CA GLN D 50 -2.61 -17.22 15.33
C GLN D 50 -2.63 -17.72 13.88
N VAL D 51 -2.62 -16.79 12.94
CA VAL D 51 -2.67 -17.14 11.52
C VAL D 51 -1.41 -17.90 11.13
N ASP D 52 -0.26 -17.42 11.59
CA ASP D 52 1.00 -18.12 11.35
C ASP D 52 1.01 -19.46 12.05
N TYR D 53 0.71 -19.43 13.35
CA TYR D 53 0.69 -20.64 14.17
C TYR D 53 -0.28 -21.68 13.60
N THR D 54 -1.43 -21.22 13.13
CA THR D 54 -2.42 -22.10 12.52
C THR D 54 -1.87 -22.64 11.20
N ALA D 55 -1.25 -21.77 10.41
CA ALA D 55 -0.73 -22.13 9.09
C ALA D 55 0.34 -23.21 9.17
N VAL D 56 1.20 -23.13 10.18
CA VAL D 56 2.28 -24.10 10.36
C VAL D 56 1.72 -25.52 10.47
N GLY D 57 0.61 -25.66 11.20
CA GLY D 57 0.01 -26.97 11.40
C GLY D 57 -0.54 -27.56 10.11
N LEU D 58 -1.18 -26.72 9.31
CA LEU D 58 -1.80 -27.16 8.07
C LEU D 58 -0.77 -27.49 7.00
N MET D 59 0.33 -26.74 7.00
CA MET D 59 1.37 -26.89 5.98
C MET D 59 2.53 -27.77 6.46
N SER D 60 2.28 -28.60 7.46
CA SER D 60 3.32 -29.46 8.01
C SER D 60 2.77 -30.75 8.60
N THR D 61 3.61 -31.77 8.63
CA THR D 61 3.27 -33.02 9.31
C THR D 61 3.31 -32.75 10.81
N PRO D 62 2.52 -33.51 11.58
CA PRO D 62 2.49 -33.27 13.04
C PRO D 62 3.86 -33.35 13.70
N ASN D 63 4.74 -34.20 13.19
CA ASN D 63 6.05 -34.40 13.79
C ASN D 63 6.85 -33.11 13.80
N VAL D 64 6.75 -32.35 12.71
CA VAL D 64 7.44 -31.08 12.60
C VAL D 64 6.69 -30.02 13.41
N ALA D 65 5.37 -30.05 13.33
CA ALA D 65 4.54 -29.06 14.01
C ALA D 65 4.55 -29.24 15.52
N GLU D 66 4.55 -30.50 15.97
CA GLU D 66 4.58 -30.81 17.40
C GLU D 66 5.78 -30.18 18.08
N SER D 67 6.88 -30.06 17.33
CA SER D 67 8.08 -29.43 17.83
C SER D 67 7.94 -27.91 17.85
N TYR D 68 7.07 -27.42 16.98
CA TYR D 68 6.85 -25.98 16.83
C TYR D 68 5.86 -25.42 17.85
N GLN D 69 4.90 -26.25 18.25
CA GLN D 69 3.88 -25.80 19.19
C GLN D 69 4.46 -25.61 20.59
N SER D 70 5.47 -26.40 20.93
CA SER D 70 6.08 -26.38 22.25
C SER D 70 6.50 -24.98 22.68
N LYS D 71 6.90 -24.15 21.75
CA LYS D 71 7.30 -22.81 22.06
C LYS D 71 6.14 -21.97 22.49
N PHE D 72 4.97 -22.33 22.03
CA PHE D 72 3.78 -21.50 22.16
C PHE D 72 2.80 -21.97 23.24
N LYS D 73 3.07 -23.14 23.83
CA LYS D 73 2.18 -23.69 24.85
C LYS D 73 2.64 -23.33 26.25
N GLY D 74 1.68 -23.28 27.18
CA GLY D 74 1.96 -23.04 28.58
C GLY D 74 2.21 -21.58 28.90
N ARG D 75 2.52 -21.31 30.16
CA ARG D 75 2.81 -19.97 30.63
C ARG D 75 3.91 -19.31 29.82
N ASN D 76 4.78 -20.14 29.26
CA ASN D 76 5.99 -19.69 28.57
C ASN D 76 5.75 -19.44 27.08
N GLY D 77 4.50 -19.49 26.67
CA GLY D 77 4.16 -19.36 25.27
C GLY D 77 4.82 -18.11 24.70
N LEU D 78 5.62 -18.29 23.65
CA LEU D 78 6.43 -17.21 23.08
C LEU D 78 5.60 -15.96 22.82
N ASP D 79 4.34 -16.17 22.45
CA ASP D 79 3.41 -15.06 22.23
C ASP D 79 2.92 -14.49 23.55
N LYS D 80 2.82 -15.34 24.56
CA LYS D 80 2.27 -14.96 25.86
C LYS D 80 3.32 -14.40 26.80
N VAL D 81 4.59 -14.47 26.40
CA VAL D 81 5.68 -13.93 27.20
C VAL D 81 6.10 -12.56 26.69
N LEU D 82 6.24 -12.44 25.37
CA LEU D 82 6.70 -11.19 24.76
C LEU D 82 5.53 -10.26 24.49
N GLY D 83 4.42 -10.81 24.01
CA GLY D 83 3.27 -10.02 23.64
C GLY D 83 3.57 -9.18 22.41
N ASP D 84 3.43 -7.87 22.54
CA ASP D 84 3.67 -6.94 21.43
C ASP D 84 4.82 -5.99 21.76
N SER D 85 5.66 -6.39 22.71
CA SER D 85 6.78 -5.56 23.12
C SER D 85 7.90 -5.57 22.10
N GLU D 86 7.90 -6.58 21.24
CA GLU D 86 8.92 -6.69 20.20
C GLU D 86 8.36 -7.35 18.94
N THR D 87 9.19 -7.38 17.89
CA THR D 87 8.80 -7.94 16.61
C THR D 87 10.01 -8.53 15.89
N THR D 88 9.76 -9.34 14.87
CA THR D 88 10.82 -9.95 14.08
C THR D 88 10.40 -10.08 12.62
N ARG D 89 11.13 -9.40 11.74
CA ARG D 89 10.83 -9.40 10.31
C ARG D 89 11.76 -10.35 9.55
N VAL D 90 11.31 -10.81 8.39
CA VAL D 90 12.07 -11.75 7.57
C VAL D 90 12.35 -11.19 6.18
N LYS D 91 13.54 -11.52 5.66
CA LYS D 91 13.90 -11.19 4.29
C LYS D 91 14.56 -12.40 3.63
N ILE D 92 13.92 -12.92 2.60
CA ILE D 92 14.43 -14.08 1.88
C ILE D 92 15.59 -13.68 0.98
N ASN D 93 16.69 -14.43 1.08
CA ASN D 93 17.90 -14.17 0.29
C ASN D 93 18.07 -15.06 -0.94
N SER D 94 17.80 -16.36 -0.81
CA SER D 94 17.97 -17.29 -1.92
C SER D 94 17.24 -18.61 -1.69
N VAL D 95 16.92 -19.28 -2.80
CA VAL D 95 16.24 -20.58 -2.76
C VAL D 95 16.71 -21.46 -3.92
N ILE D 96 17.10 -22.69 -3.60
CA ILE D 96 17.50 -23.67 -4.61
C ILE D 96 16.83 -25.01 -4.30
N LEU D 97 16.52 -25.77 -5.36
CA LEU D 97 15.75 -27.00 -5.22
C LEU D 97 16.56 -28.27 -5.48
N ASP D 98 16.11 -29.36 -4.86
CA ASP D 98 16.53 -30.71 -5.21
C ASP D 98 15.30 -31.40 -5.78
N LYS D 99 15.10 -31.23 -7.09
CA LYS D 99 13.81 -31.45 -7.73
C LYS D 99 13.29 -32.88 -7.61
N PRO D 100 14.10 -33.88 -7.99
CA PRO D 100 13.56 -35.24 -7.99
C PRO D 100 13.41 -35.82 -6.58
N HIS D 101 14.04 -35.19 -5.59
CA HIS D 101 13.98 -35.68 -4.22
C HIS D 101 12.95 -35.00 -3.35
N GLY D 102 12.31 -33.94 -3.86
CA GLY D 102 11.35 -33.20 -3.07
C GLY D 102 12.02 -32.57 -1.86
N VAL D 103 13.25 -32.10 -2.07
CA VAL D 103 14.05 -31.47 -1.02
C VAL D 103 14.49 -30.09 -1.49
N ALA D 104 14.57 -29.14 -0.56
CA ALA D 104 14.95 -27.78 -0.89
C ALA D 104 15.77 -27.14 0.21
N THR D 105 16.66 -26.23 -0.19
CA THR D 105 17.49 -25.49 0.75
C THR D 105 17.25 -24.00 0.55
N ILE D 106 17.22 -23.26 1.66
CA ILE D 106 16.95 -21.83 1.63
C ILE D 106 17.95 -21.05 2.45
N ARG D 107 18.09 -19.77 2.13
CA ARG D 107 18.91 -18.84 2.89
C ARG D 107 18.10 -17.59 3.18
N PHE D 108 17.97 -17.22 4.44
CA PHE D 108 17.20 -16.04 4.83
C PHE D 108 17.82 -15.34 6.03
N THR D 109 17.33 -14.15 6.32
CA THR D 109 17.86 -13.32 7.39
C THR D 109 16.74 -12.75 8.26
N THR D 110 16.91 -12.88 9.58
CA THR D 110 15.94 -12.38 10.53
C THR D 110 16.47 -11.15 11.27
N VAL D 111 15.58 -10.21 11.56
CA VAL D 111 15.95 -8.99 12.28
C VAL D 111 15.03 -8.78 13.48
N ARG D 112 15.64 -8.74 14.67
CA ARG D 112 14.89 -8.54 15.90
C ARG D 112 14.75 -7.06 16.22
N ARG D 113 13.57 -6.68 16.73
CA ARG D 113 13.32 -5.30 17.14
C ARG D 113 12.33 -5.25 18.30
N VAL D 114 12.79 -4.73 19.43
CA VAL D 114 11.92 -4.45 20.56
C VAL D 114 11.37 -3.04 20.41
N ARG D 115 10.05 -2.95 20.21
CA ARG D 115 9.41 -1.66 20.00
C ARG D 115 9.65 -0.73 21.19
N SER D 116 9.88 -1.31 22.36
CA SER D 116 10.25 -0.53 23.53
C SER D 116 11.58 0.15 23.30
N ASN D 117 12.51 -0.58 22.70
CA ASN D 117 13.81 -0.03 22.27
C ASN D 117 13.65 0.87 21.05
N PRO D 118 14.55 1.84 20.88
CA PRO D 118 14.42 2.79 19.78
C PRO D 118 14.80 2.21 18.42
N VAL D 119 15.81 1.34 18.38
CA VAL D 119 16.33 0.82 17.13
C VAL D 119 16.25 -0.71 17.05
N ASP D 120 16.49 -1.24 15.85
CA ASP D 120 16.53 -2.68 15.62
C ASP D 120 17.93 -3.22 15.81
N ASP D 121 18.04 -4.43 16.35
CA ASP D 121 19.32 -5.12 16.39
C ASP D 121 19.71 -5.51 14.97
N GLN D 122 21.00 -5.64 14.71
CA GLN D 122 21.45 -6.02 13.37
C GLN D 122 21.03 -7.44 13.06
N PRO D 123 20.86 -7.77 11.76
CA PRO D 123 20.23 -9.03 11.35
C PRO D 123 20.97 -10.29 11.78
N GLN D 124 20.28 -11.42 11.68
CA GLN D 124 20.85 -12.75 11.91
C GLN D 124 20.58 -13.62 10.68
N ARG D 125 21.62 -14.28 10.18
CA ARG D 125 21.51 -15.08 8.97
C ARG D 125 21.45 -16.57 9.30
N TRP D 126 20.62 -17.32 8.56
CA TRP D 126 20.39 -18.73 8.82
C TRP D 126 20.12 -19.54 7.58
N ILE D 127 20.26 -20.86 7.69
CA ILE D 127 19.98 -21.78 6.59
C ILE D 127 19.06 -22.90 7.08
N ALA D 128 17.96 -23.12 6.36
CA ALA D 128 17.01 -24.17 6.69
C ALA D 128 16.93 -25.21 5.58
N ILE D 129 17.03 -26.48 5.96
CA ILE D 129 16.92 -27.58 5.03
C ILE D 129 15.53 -28.20 5.11
N MET D 130 14.87 -28.33 3.97
CA MET D 130 13.49 -28.81 3.93
C MET D 130 13.28 -29.96 2.96
N GLY D 131 12.47 -30.93 3.39
CA GLY D 131 11.92 -31.95 2.52
C GLY D 131 10.43 -31.68 2.44
N TYR D 132 9.82 -31.95 1.28
CA TYR D 132 8.42 -31.59 1.09
C TYR D 132 7.73 -32.46 0.04
N GLU D 133 6.39 -32.48 0.12
CA GLU D 133 5.55 -33.24 -0.79
C GLU D 133 4.12 -32.70 -0.75
N TYR D 134 3.29 -33.08 -1.72
CA TYR D 134 1.87 -32.73 -1.70
C TYR D 134 1.00 -33.96 -1.50
N LYS D 135 -0.05 -33.81 -0.71
CA LYS D 135 -0.97 -34.90 -0.42
C LYS D 135 -2.41 -34.41 -0.49
N SER D 136 -3.31 -35.29 -0.91
CA SER D 136 -4.73 -34.99 -0.91
C SER D 136 -5.20 -34.84 0.54
N LEU D 137 -5.60 -33.62 0.90
CA LEU D 137 -5.91 -33.29 2.29
C LEU D 137 -7.20 -32.51 2.39
N ALA D 138 -8.11 -32.98 3.23
CA ALA D 138 -9.39 -32.31 3.47
C ALA D 138 -9.16 -30.91 4.03
N MET D 139 -10.12 -30.01 3.80
CA MET D 139 -9.95 -28.61 4.15
C MET D 139 -11.17 -27.99 4.81
N ASN D 140 -10.90 -27.01 5.67
CA ASN D 140 -11.90 -26.14 6.25
C ASN D 140 -12.14 -24.97 5.31
N ALA D 141 -12.86 -23.96 5.78
CA ALA D 141 -13.20 -22.81 4.93
C ALA D 141 -12.02 -21.85 4.76
N GLU D 142 -11.14 -21.81 5.76
CA GLU D 142 -10.06 -20.81 5.79
C GLU D 142 -8.82 -21.30 5.05
N GLN D 143 -8.50 -22.58 5.20
CA GLN D 143 -7.28 -23.12 4.61
C GLN D 143 -7.39 -23.26 3.10
N ARG D 144 -8.57 -22.98 2.56
CA ARG D 144 -8.74 -22.90 1.12
C ARG D 144 -7.96 -21.69 0.61
N TYR D 145 -8.13 -20.57 1.30
CA TYR D 145 -7.47 -19.33 0.93
C TYR D 145 -5.99 -19.33 1.29
N VAL D 146 -5.57 -20.33 2.08
CA VAL D 146 -4.16 -20.46 2.46
C VAL D 146 -3.43 -21.58 1.69
N ASN D 147 -4.03 -22.77 1.69
CA ASN D 147 -3.58 -23.85 0.86
C ASN D 147 -4.74 -24.45 0.08
N PRO D 148 -4.61 -24.46 -1.23
CA PRO D 148 -5.45 -25.29 -2.10
C PRO D 148 -4.77 -26.56 -2.61
N LEU D 149 -3.45 -26.65 -2.51
CA LEU D 149 -2.70 -27.71 -3.19
C LEU D 149 -2.31 -28.89 -2.29
N GLY D 150 -2.62 -28.80 -1.00
CA GLY D 150 -2.26 -29.87 -0.08
C GLY D 150 -0.77 -29.94 0.14
N PHE D 151 -0.09 -28.80 -0.06
CA PHE D 151 1.34 -28.67 0.21
C PHE D 151 1.68 -29.16 1.61
N ARG D 152 2.72 -29.97 1.72
CA ARG D 152 3.14 -30.53 3.00
C ARG D 152 4.65 -30.54 3.18
N VAL D 153 5.08 -30.18 4.39
CA VAL D 153 6.49 -30.20 4.76
C VAL D 153 6.78 -31.45 5.60
N THR D 154 7.96 -32.05 5.38
CA THR D 154 8.30 -33.31 6.03
C THR D 154 9.60 -33.24 6.84
N SER D 155 10.37 -32.18 6.66
CA SER D 155 11.65 -32.03 7.37
C SER D 155 11.97 -30.57 7.64
N TYR D 156 12.55 -30.32 8.81
CA TYR D 156 13.00 -29.00 9.18
C TYR D 156 13.96 -29.05 10.35
N ARG D 157 14.93 -28.15 10.31
CA ARG D 157 15.73 -27.74 11.46
C ARG D 157 16.34 -26.36 11.18
N VAL D 158 16.66 -25.58 12.22
CA VAL D 158 17.36 -24.31 11.98
C VAL D 158 18.70 -24.25 12.68
N ASN D 159 19.74 -24.02 11.88
CA ASN D 159 21.10 -23.79 12.35
C ASN D 159 21.74 -22.64 11.57
N PRO D 160 22.73 -21.99 12.17
CA PRO D 160 23.39 -20.82 11.57
C PRO D 160 24.27 -21.13 10.37
N GLU D 161 24.71 -20.09 9.65
CA GLU D 161 25.50 -20.26 8.45
C GLU D 161 26.97 -19.95 8.73
CAH AO4 E . -22.68 10.34 -7.11
OAI AO4 E . -21.84 11.16 -7.57
OAJ AO4 E . -23.19 9.36 -7.69
CAF AO4 E . -23.15 10.59 -5.67
CAA AO4 E . -22.48 10.05 -4.59
CAB AO4 E . -23.01 10.34 -3.26
CL1 AO4 E . -22.18 9.67 -1.80
NAC AO4 E . -24.14 11.14 -3.02
CAD AO4 E . -24.75 11.63 -4.08
CAE AO4 E . -24.29 11.39 -5.45
HAA AO4 E . -21.60 9.42 -4.69
HAD AO4 E . -25.64 12.24 -3.90
HAE AO4 E . -24.84 11.82 -6.29
#